data_5FZ1
#
_entry.id   5FZ1
#
_cell.length_a   143.300
_cell.length_b   143.300
_cell.length_c   152.890
_cell.angle_alpha   90.00
_cell.angle_beta   90.00
_cell.angle_gamma   120.00
#
_symmetry.space_group_name_H-M   'P 65 2 2'
#
loop_
_entity.id
_entity.type
_entity.pdbx_description
1 polymer 'LYSINE-SPECIFIC DEMETHYLASE 5B, LYSINE-SPECIFIC DEMETHYLASE 5B'
2 non-polymer 'ZINC ION'
3 non-polymer 'DIMETHYL SULFOXIDE'
4 non-polymer 'MANGANESE (II) ION'
5 non-polymer 'PHOSPHATE ION'
6 non-polymer 1,2-ETHANEDIOL
7 non-polymer 2,4-dichloro-N-(pyridin-3-yl)benzamide
8 water water
#
_entity_poly.entity_id   1
_entity_poly.type   'polypeptide(L)'
_entity_poly.pdbx_seq_one_letter_code
;SMFLPPPECPVFEPSWEEFADPFAFIHKIRPIAEQTGICKVRPPPDWQPPFACDVDKLHFTPRIQRLNELEAQTRVKLGG
GGARDYTLRTFGEMADAFKSDYFNMPVHMVPTELVEKEFWRLVSTIEEDVTVEYGADIASKEFGSGFPVRDGKIKLSPEE
EEYLDSGWNLNNMPVMEQSVLAHITADICGMKLPWLYVGMCFSSFCWHIEDHWSYSINYLHWGEPKTWYGVPGYAAEQLE
NVMKKLAPELFVSQPDLLHQLVTIMNPNTLMTHEVPVYRTNQCAGEFVITFPRAYHSGFNQGFNFAEAVNFCTVDWLPLG
RQCVEHYRLLHRYCVFSHDEMICKMASKADVLDVVVASTVQKDMAIMIEDEKALRETVRKLGVIDSERMDFELLPDDERQ
CVKCKTTCFMSAISCSCKPGLLVCLHHVKELCSCPPYKYKLRYRYTLDDLYPMMNALKLRAESYNEWALNVNEALEAKI
;
_entity_poly.pdbx_strand_id   A
#
# COMPACT_ATOMS: atom_id res chain seq x y z
N SER A 1 -27.02 9.83 17.44
CA SER A 1 -27.22 11.25 17.39
C SER A 1 -25.87 11.95 17.34
N MET A 2 -25.71 12.88 16.40
CA MET A 2 -24.40 13.38 16.02
C MET A 2 -23.52 12.20 15.54
N PHE A 3 -22.85 11.46 16.43
CA PHE A 3 -22.00 10.34 15.96
C PHE A 3 -22.30 8.97 16.58
N LEU A 4 -22.55 8.00 15.72
CA LEU A 4 -22.76 6.61 16.12
C LEU A 4 -21.56 5.75 15.70
N PRO A 5 -20.71 5.35 16.67
CA PRO A 5 -19.51 4.56 16.36
C PRO A 5 -19.84 3.26 15.61
N PRO A 6 -19.11 2.98 14.51
CA PRO A 6 -19.28 1.69 13.81
C PRO A 6 -18.96 0.53 14.74
N PRO A 7 -19.48 -0.66 14.44
CA PRO A 7 -19.13 -1.86 15.22
C PRO A 7 -17.64 -2.14 15.19
N GLU A 8 -17.13 -2.85 16.19
CA GLU A 8 -15.69 -3.06 16.31
C GLU A 8 -15.18 -4.11 15.33
N CYS A 9 -13.98 -3.91 14.80
CA CYS A 9 -13.37 -4.91 13.94
C CYS A 9 -12.88 -6.10 14.80
N PRO A 10 -12.58 -7.25 14.16
CA PRO A 10 -12.03 -8.42 14.87
C PRO A 10 -10.72 -8.15 15.60
N VAL A 11 -10.53 -8.78 16.76
CA VAL A 11 -9.27 -8.67 17.53
C VAL A 11 -8.72 -10.06 17.78
N PHE A 12 -7.44 -10.27 17.47
CA PHE A 12 -6.83 -11.58 17.61
C PHE A 12 -5.72 -11.56 18.64
N GLU A 13 -5.64 -12.65 19.40
CA GLU A 13 -4.52 -12.88 20.32
C GLU A 13 -3.90 -14.25 20.05
N PRO A 14 -2.96 -14.32 19.10
CA PRO A 14 -2.30 -15.59 18.81
C PRO A 14 -1.42 -16.05 19.97
N SER A 15 -1.36 -17.36 20.19
CA SER A 15 -0.35 -17.95 21.07
C SER A 15 1.04 -17.77 20.47
N TRP A 16 2.08 -18.06 21.25
N TRP A 16 2.07 -18.05 21.26
CA TRP A 16 3.45 -17.92 20.75
CA TRP A 16 3.44 -17.96 20.79
C TRP A 16 3.71 -18.83 19.56
C TRP A 16 3.67 -18.81 19.55
N GLU A 17 2.97 -19.94 19.48
CA GLU A 17 3.14 -20.87 18.38
C GLU A 17 2.49 -20.34 17.10
N GLU A 18 1.27 -19.80 17.22
CA GLU A 18 0.55 -19.21 16.10
C GLU A 18 1.27 -17.98 15.59
N PHE A 19 1.85 -17.25 16.54
CA PHE A 19 2.52 -15.97 16.28
C PHE A 19 3.79 -16.18 15.47
N ALA A 20 4.50 -17.28 15.74
CA ALA A 20 5.83 -17.55 15.20
C ALA A 20 5.99 -17.20 13.71
N ASP A 21 5.07 -17.67 12.88
CA ASP A 21 5.11 -17.32 11.46
C ASP A 21 3.93 -16.40 11.04
N PRO A 22 4.25 -15.13 10.74
CA PRO A 22 3.25 -14.12 10.38
C PRO A 22 2.42 -14.51 9.17
N PHE A 23 3.03 -15.06 8.13
CA PHE A 23 2.31 -15.38 6.91
C PHE A 23 1.31 -16.52 7.10
N ALA A 24 1.69 -17.52 7.88
CA ALA A 24 0.76 -18.60 8.18
C ALA A 24 -0.43 -18.07 8.99
N PHE A 25 -0.15 -17.21 9.96
CA PHE A 25 -1.19 -16.61 10.79
C PHE A 25 -2.16 -15.76 9.98
N ILE A 26 -1.62 -14.89 9.13
CA ILE A 26 -2.44 -14.01 8.31
C ILE A 26 -3.33 -14.82 7.38
N HIS A 27 -2.79 -15.93 6.85
CA HIS A 27 -3.59 -16.83 6.02
C HIS A 27 -4.69 -17.50 6.83
N LYS A 28 -4.42 -17.77 8.11
CA LYS A 28 -5.41 -18.36 9.00
C LYS A 28 -6.61 -17.43 9.25
N ILE A 29 -6.34 -16.17 9.62
CA ILE A 29 -7.43 -15.25 9.98
C ILE A 29 -8.16 -14.67 8.76
N ARG A 30 -7.55 -14.83 7.58
CA ARG A 30 -8.05 -14.22 6.36
C ARG A 30 -9.55 -14.38 6.06
N PRO A 31 -10.11 -15.58 6.27
CA PRO A 31 -11.55 -15.69 5.98
C PRO A 31 -12.43 -14.79 6.86
N ILE A 32 -11.99 -14.55 8.08
CA ILE A 32 -12.72 -13.66 8.99
C ILE A 32 -12.44 -12.19 8.69
N ALA A 33 -11.17 -11.83 8.72
CA ALA A 33 -10.75 -10.44 8.63
C ALA A 33 -11.03 -9.77 7.27
N GLU A 34 -11.10 -10.57 6.21
CA GLU A 34 -11.34 -9.98 4.89
C GLU A 34 -12.81 -9.57 4.74
N GLN A 35 -13.67 -10.02 5.65
CA GLN A 35 -15.07 -9.58 5.68
C GLN A 35 -15.22 -8.20 6.32
N THR A 36 -14.19 -7.77 7.04
CA THR A 36 -14.23 -6.48 7.74
C THR A 36 -13.17 -5.49 7.26
N GLY A 37 -12.27 -5.94 6.38
CA GLY A 37 -11.27 -5.05 5.82
C GLY A 37 -10.05 -4.82 6.69
N ILE A 38 -10.26 -4.44 7.95
CA ILE A 38 -9.15 -4.32 8.91
C ILE A 38 -9.35 -5.32 10.05
N CYS A 39 -8.26 -5.57 10.78
CA CYS A 39 -8.35 -6.36 12.01
C CYS A 39 -7.17 -5.96 12.88
N LYS A 40 -7.23 -6.32 14.16
CA LYS A 40 -6.19 -5.93 15.10
C LYS A 40 -5.49 -7.18 15.64
N VAL A 41 -4.18 -7.10 15.84
CA VAL A 41 -3.45 -8.24 16.37
C VAL A 41 -2.70 -7.90 17.63
N ARG A 42 -3.01 -8.65 18.69
CA ARG A 42 -2.32 -8.49 19.98
C ARG A 42 -1.25 -9.56 20.14
N PRO A 43 0.01 -9.14 20.13
CA PRO A 43 1.10 -10.10 20.30
C PRO A 43 1.04 -10.78 21.67
N PRO A 44 1.56 -12.02 21.77
CA PRO A 44 1.81 -12.67 23.06
C PRO A 44 2.51 -11.73 24.03
N PRO A 45 2.17 -11.81 25.32
CA PRO A 45 2.46 -10.83 26.38
C PRO A 45 3.94 -10.47 26.55
N ASP A 46 4.82 -11.43 26.28
CA ASP A 46 6.26 -11.21 26.48
C ASP A 46 7.01 -10.72 25.23
N TRP A 47 6.37 -10.81 24.06
CA TRP A 47 6.90 -10.16 22.86
C TRP A 47 6.92 -8.66 23.10
N GLN A 48 8.07 -8.15 23.52
N GLN A 48 8.05 -8.12 23.54
CA GLN A 48 8.26 -6.72 23.76
CA GLN A 48 8.20 -6.68 23.73
C GLN A 48 9.56 -6.25 23.13
C GLN A 48 9.52 -6.22 23.15
N PRO A 49 9.50 -5.77 21.89
CA PRO A 49 10.67 -5.24 21.20
C PRO A 49 11.15 -3.98 21.88
N PRO A 50 12.47 -3.84 22.01
CA PRO A 50 13.01 -2.70 22.73
C PRO A 50 12.92 -1.43 21.91
N PHE A 51 12.07 -0.49 22.31
CA PHE A 51 12.18 0.82 21.69
C PHE A 51 13.11 1.69 22.50
N ALA A 52 14.13 2.23 21.84
CA ALA A 52 15.05 3.16 22.47
C ALA A 52 15.50 4.20 21.46
N CYS A 53 15.42 5.47 21.85
CA CYS A 53 15.92 6.57 21.03
C CYS A 53 16.18 7.83 21.85
N ASP A 54 17.00 8.72 21.29
CA ASP A 54 17.20 10.04 21.89
C ASP A 54 16.26 11.03 21.20
N VAL A 55 15.43 11.67 22.01
CA VAL A 55 14.39 12.54 21.51
C VAL A 55 14.94 13.85 20.96
N ASP A 56 16.20 14.15 21.28
CA ASP A 56 16.81 15.42 20.87
C ASP A 56 17.57 15.34 19.54
N LYS A 57 17.94 14.14 19.12
CA LYS A 57 18.78 13.99 17.94
C LYS A 57 17.98 13.58 16.70
N LEU A 58 16.77 13.07 16.92
CA LEU A 58 15.88 12.77 15.82
C LEU A 58 15.13 14.03 15.35
N HIS A 59 15.45 14.51 14.15
CA HIS A 59 14.84 15.69 13.52
CA HIS A 59 14.70 15.63 13.62
C HIS A 59 13.91 15.25 12.38
N PHE A 60 12.82 15.99 12.14
CA PHE A 60 12.03 15.80 10.92
C PHE A 60 11.28 17.07 10.52
N THR A 61 10.92 17.16 9.24
CA THR A 61 10.22 18.33 8.72
C THR A 61 8.71 18.06 8.76
N PRO A 62 7.96 18.93 9.45
CA PRO A 62 6.53 18.65 9.66
C PRO A 62 5.65 18.99 8.48
N ARG A 63 4.61 18.19 8.25
CA ARG A 63 3.54 18.55 7.31
C ARG A 63 2.34 19.19 8.04
N ILE A 64 1.67 20.13 7.38
CA ILE A 64 0.54 20.83 7.98
C ILE A 64 -0.78 20.33 7.39
N GLN A 65 -1.80 20.27 8.23
CA GLN A 65 -3.05 19.68 7.83
C GLN A 65 -4.24 20.53 8.31
N ARG A 66 -5.13 20.86 7.39
CA ARG A 66 -6.42 21.48 7.71
C ARG A 66 -7.48 20.41 7.87
N LEU A 67 -8.39 20.59 8.82
CA LEU A 67 -9.30 19.49 9.14
C LEU A 67 -10.75 19.76 8.70
N ASN A 68 -11.01 19.60 7.40
CA ASN A 68 -12.34 19.82 6.86
C ASN A 68 -12.86 18.64 6.05
N GLU A 69 -14.04 18.17 6.41
CA GLU A 69 -14.68 17.06 5.73
C GLU A 69 -14.89 17.36 4.24
N LEU A 70 -14.63 16.36 3.40
CA LEU A 70 -14.84 16.43 1.94
C LEU A 70 -13.89 17.38 1.20
N GLU A 71 -12.96 17.98 1.94
CA GLU A 71 -11.95 18.84 1.35
C GLU A 71 -10.79 18.00 0.82
N ALA A 72 -10.31 18.34 -0.37
CA ALA A 72 -9.24 17.58 -1.03
C ALA A 72 -7.89 17.79 -0.36
N GLN A 73 -7.17 16.68 -0.19
CA GLN A 73 -5.79 16.70 0.29
C GLN A 73 -4.94 15.84 -0.66
N THR A 74 -3.65 16.15 -0.75
CA THR A 74 -2.76 15.38 -1.62
C THR A 74 -2.07 14.29 -0.81
N ARG A 75 -2.01 13.09 -1.38
CA ARG A 75 -1.61 11.86 -0.66
C ARG A 75 -0.19 11.91 -0.07
N VAL A 76 0.79 12.38 -0.83
CA VAL A 76 2.13 12.62 -0.29
C VAL A 76 2.62 14.01 -0.74
N LYS A 77 3.63 14.55 -0.05
CA LYS A 77 4.29 15.79 -0.48
C LYS A 77 5.79 15.74 -0.17
N ASP A 85 10.97 23.01 11.27
CA ASP A 85 11.66 21.77 11.63
C ASP A 85 11.61 21.39 13.14
N TYR A 86 11.24 20.15 13.43
CA TYR A 86 11.05 19.70 14.82
C TYR A 86 12.02 18.61 15.26
N THR A 87 12.42 18.60 16.54
CA THR A 87 12.96 17.36 17.09
C THR A 87 11.77 16.57 17.67
N LEU A 88 11.99 15.30 17.97
CA LEU A 88 10.94 14.51 18.62
C LEU A 88 10.52 15.15 19.96
N ARG A 89 11.47 15.70 20.72
CA ARG A 89 11.07 16.38 21.95
C ARG A 89 10.24 17.64 21.67
N THR A 90 10.68 18.51 20.75
CA THR A 90 9.95 19.78 20.55
C THR A 90 8.56 19.51 19.97
N PHE A 91 8.42 18.49 19.12
CA PHE A 91 7.12 18.11 18.60
C PHE A 91 6.22 17.59 19.72
N GLY A 92 6.78 16.74 20.57
CA GLY A 92 6.03 16.20 21.70
C GLY A 92 5.53 17.28 22.63
N GLU A 93 6.35 18.30 22.88
CA GLU A 93 5.95 19.41 23.73
C GLU A 93 4.81 20.23 23.09
N MET A 94 4.89 20.45 21.77
CA MET A 94 3.85 21.17 21.03
C MET A 94 2.54 20.37 21.07
N ALA A 95 2.65 19.08 20.78
CA ALA A 95 1.49 18.20 20.71
C ALA A 95 0.72 18.05 22.04
N ASP A 96 1.45 17.95 23.14
CA ASP A 96 0.83 17.77 24.48
C ASP A 96 0.17 19.07 24.94
N ALA A 97 0.89 20.19 24.81
CA ALA A 97 0.31 21.50 25.07
C ALA A 97 -0.96 21.73 24.24
N PHE A 98 -0.94 21.34 22.95
CA PHE A 98 -2.13 21.52 22.11
C PHE A 98 -3.34 20.76 22.64
N LYS A 99 -3.19 19.46 22.85
CA LYS A 99 -4.31 18.66 23.34
C LYS A 99 -4.82 19.17 24.71
N SER A 100 -3.87 19.49 25.57
CA SER A 100 -4.13 19.93 26.93
C SER A 100 -4.91 21.25 26.94
N ASP A 101 -4.52 22.19 26.06
CA ASP A 101 -5.21 23.46 25.94
C ASP A 101 -6.57 23.36 25.25
N TYR A 102 -6.70 22.41 24.32
CA TYR A 102 -7.94 22.24 23.57
C TYR A 102 -9.06 21.75 24.48
N PHE A 103 -8.74 20.90 25.46
CA PHE A 103 -9.77 20.35 26.32
C PHE A 103 -9.76 20.90 27.76
N ASN A 104 -8.77 21.75 28.09
CA ASN A 104 -8.51 22.19 29.46
C ASN A 104 -8.47 21.02 30.44
N MET A 105 -7.74 19.97 30.05
CA MET A 105 -7.59 18.76 30.88
C MET A 105 -6.17 18.24 30.76
N PRO A 106 -5.73 17.39 31.70
CA PRO A 106 -4.51 16.59 31.45
C PRO A 106 -4.79 15.53 30.39
N VAL A 107 -3.81 15.17 29.55
CA VAL A 107 -4.09 14.36 28.34
C VAL A 107 -4.69 12.94 28.53
N HIS A 108 -4.38 12.25 29.63
CA HIS A 108 -4.92 10.90 29.83
C HIS A 108 -6.26 10.90 30.50
N MET A 109 -6.81 12.09 30.71
CA MET A 109 -8.09 12.15 31.36
C MET A 109 -9.13 12.38 30.32
N VAL A 110 -8.67 12.72 29.11
CA VAL A 110 -9.54 12.87 27.96
C VAL A 110 -9.91 11.49 27.41
N PRO A 111 -11.16 11.07 27.63
CA PRO A 111 -11.68 9.78 27.16
C PRO A 111 -11.61 9.64 25.64
N THR A 112 -11.41 8.42 25.13
CA THR A 112 -11.20 8.24 23.69
C THR A 112 -12.51 8.49 22.94
N GLU A 113 -13.63 8.10 23.53
N GLU A 113 -13.61 8.08 23.55
CA GLU A 113 -14.94 8.30 22.90
CA GLU A 113 -14.97 8.30 23.04
C GLU A 113 -15.27 9.78 22.73
C GLU A 113 -15.24 9.77 22.74
N LEU A 114 -14.64 10.64 23.53
CA LEU A 114 -14.88 12.09 23.43
C LEU A 114 -14.07 12.74 22.33
N VAL A 115 -12.79 12.37 22.24
CA VAL A 115 -11.95 12.83 21.13
C VAL A 115 -12.54 12.42 19.77
N GLU A 116 -13.05 11.19 19.70
CA GLU A 116 -13.69 10.69 18.48
C GLU A 116 -14.92 11.54 18.11
N LYS A 117 -15.82 11.72 19.08
CA LYS A 117 -17.02 12.58 18.90
C LYS A 117 -16.63 13.98 18.48
N GLU A 118 -15.61 14.51 19.14
CA GLU A 118 -15.15 15.86 18.87
C GLU A 118 -14.48 16.01 17.51
N PHE A 119 -13.75 14.97 17.08
CA PHE A 119 -13.10 15.01 15.76
C PHE A 119 -14.15 15.20 14.68
N TRP A 120 -15.16 14.33 14.68
CA TRP A 120 -16.22 14.40 13.69
C TRP A 120 -17.07 15.67 13.77
N ARG A 121 -17.16 16.29 14.95
CA ARG A 121 -17.80 17.60 15.03
C ARG A 121 -16.96 18.65 14.33
N LEU A 122 -15.68 18.76 14.69
CA LEU A 122 -14.88 19.86 14.13
C LEU A 122 -14.63 19.80 12.62
N VAL A 123 -14.54 18.59 12.04
CA VAL A 123 -14.29 18.49 10.60
C VAL A 123 -15.55 18.84 9.80
N SER A 124 -16.72 18.75 10.44
CA SER A 124 -17.98 19.02 9.75
C SER A 124 -18.32 20.51 9.82
N THR A 125 -17.85 21.17 10.87
CA THR A 125 -18.07 22.60 11.08
C THR A 125 -17.06 23.47 10.31
N ILE A 126 -17.57 24.40 9.52
CA ILE A 126 -16.69 25.19 8.66
C ILE A 126 -16.22 26.48 9.35
N GLU A 127 -16.90 26.89 10.42
CA GLU A 127 -16.42 28.03 11.19
C GLU A 127 -15.35 27.62 12.20
N GLU A 128 -14.99 26.33 12.18
CA GLU A 128 -13.83 25.84 12.92
C GLU A 128 -12.72 25.55 11.93
N ASP A 129 -11.66 26.36 11.97
CA ASP A 129 -10.48 26.09 11.15
C ASP A 129 -9.27 25.63 11.99
N VAL A 130 -9.41 24.46 12.59
CA VAL A 130 -8.32 23.83 13.30
C VAL A 130 -7.26 23.31 12.32
N THR A 131 -5.99 23.63 12.55
CA THR A 131 -4.93 22.98 11.77
C THR A 131 -3.97 22.24 12.70
N VAL A 132 -3.48 21.08 12.25
CA VAL A 132 -2.53 20.32 13.04
C VAL A 132 -1.30 19.96 12.20
N GLU A 133 -0.27 19.44 12.86
CA GLU A 133 0.98 19.05 12.19
C GLU A 133 1.32 17.58 12.49
N TYR A 134 2.13 16.97 11.63
CA TYR A 134 2.52 15.57 11.81
C TYR A 134 3.77 15.21 11.00
N GLY A 135 4.31 14.03 11.28
CA GLY A 135 5.46 13.53 10.53
C GLY A 135 5.07 12.31 9.70
N ALA A 136 5.51 12.29 8.45
CA ALA A 136 5.46 11.06 7.65
C ALA A 136 6.65 11.01 6.69
N ASP A 137 7.46 9.96 6.78
CA ASP A 137 8.62 9.75 5.91
C ASP A 137 9.08 8.30 5.98
N ILE A 138 9.74 7.81 4.93
CA ILE A 138 10.39 6.50 5.01
C ILE A 138 11.66 6.63 5.85
N ALA A 139 12.11 5.50 6.41
CA ALA A 139 13.29 5.50 7.27
C ALA A 139 14.50 6.09 6.56
N SER A 140 15.32 6.83 7.30
CA SER A 140 16.54 7.46 6.77
C SER A 140 17.59 7.70 7.86
N LYS A 141 18.67 8.36 7.49
CA LYS A 141 19.79 8.58 8.40
C LYS A 141 19.46 9.58 9.53
N GLU A 142 18.63 10.57 9.23
CA GLU A 142 18.23 11.54 10.25
C GLU A 142 17.13 10.97 11.15
N PHE A 143 16.47 9.93 10.65
CA PHE A 143 15.32 9.33 11.33
C PHE A 143 15.05 7.91 10.85
N GLY A 144 15.32 6.92 11.70
CA GLY A 144 15.30 5.53 11.28
C GLY A 144 14.26 4.66 11.95
N SER A 145 14.22 3.38 11.56
CA SER A 145 13.27 2.41 12.08
C SER A 145 13.18 2.41 13.61
N GLY A 146 11.97 2.22 14.14
CA GLY A 146 11.79 2.02 15.56
C GLY A 146 12.18 0.61 15.94
N PHE A 147 12.26 -0.29 14.96
CA PHE A 147 12.69 -1.66 15.21
C PHE A 147 14.22 -1.78 15.10
N PRO A 148 14.82 -2.78 15.78
CA PRO A 148 16.26 -3.04 15.66
C PRO A 148 16.69 -3.36 14.23
N VAL A 149 17.78 -2.77 13.78
CA VAL A 149 18.42 -3.15 12.52
C VAL A 149 19.92 -3.30 12.71
N ARG A 150 20.60 -3.87 11.72
CA ARG A 150 22.04 -4.05 11.84
C ARG A 150 22.84 -2.83 11.37
N ASP A 151 23.92 -2.54 12.08
CA ASP A 151 24.87 -1.49 11.71
C ASP A 151 26.21 -1.75 12.43
N GLY A 152 27.30 -1.73 11.66
CA GLY A 152 28.63 -2.04 12.19
C GLY A 152 29.05 -1.25 13.42
N ILE A 154 27.23 0.41 15.60
CA ILE A 154 26.52 0.25 16.86
C ILE A 154 26.46 -1.22 17.29
N LYS A 155 26.81 -1.47 18.55
CA LYS A 155 26.71 -2.79 19.16
C LYS A 155 25.35 -2.96 19.82
N LEU A 156 24.75 -4.12 19.63
CA LEU A 156 23.39 -4.39 20.10
C LEU A 156 23.39 -5.23 21.39
N SER A 157 22.41 -4.96 22.25
CA SER A 157 22.18 -5.74 23.46
C SER A 157 21.43 -7.03 23.12
N PRO A 158 21.66 -8.13 23.89
CA PRO A 158 21.02 -9.43 23.63
C PRO A 158 19.51 -9.37 23.34
N GLU A 159 18.78 -8.43 23.93
CA GLU A 159 17.35 -8.32 23.67
C GLU A 159 17.08 -7.76 22.26
N GLU A 160 17.92 -6.82 21.82
CA GLU A 160 17.77 -6.26 20.47
C GLU A 160 18.04 -7.32 19.41
N GLU A 161 19.02 -8.20 19.67
CA GLU A 161 19.38 -9.24 18.71
C GLU A 161 18.28 -10.29 18.61
N GLU A 162 17.59 -10.54 19.74
CA GLU A 162 16.39 -11.36 19.77
C GLU A 162 15.34 -10.99 18.72
N TYR A 163 15.15 -9.69 18.50
CA TYR A 163 14.08 -9.19 17.64
C TYR A 163 14.60 -8.79 16.26
N LEU A 164 15.90 -8.93 16.04
CA LEU A 164 16.52 -8.55 14.77
C LEU A 164 15.90 -9.27 13.58
N ASP A 165 15.50 -10.51 13.79
CA ASP A 165 15.05 -11.31 12.67
C ASP A 165 13.63 -11.81 12.88
N SER A 166 12.88 -11.13 13.73
CA SER A 166 11.49 -11.47 13.89
C SER A 166 10.76 -11.28 12.55
N GLY A 167 9.78 -12.12 12.29
CA GLY A 167 8.90 -11.92 11.16
C GLY A 167 8.13 -10.61 11.32
N TRP A 168 7.81 -10.24 12.56
CA TRP A 168 7.02 -9.03 12.83
C TRP A 168 7.88 -7.79 12.98
N ASN A 169 9.21 -7.93 12.87
CA ASN A 169 10.04 -6.76 12.69
C ASN A 169 9.74 -6.25 11.28
N LEU A 170 9.15 -5.07 11.16
CA LEU A 170 8.61 -4.66 9.87
C LEU A 170 9.68 -4.40 8.79
N ASN A 171 10.95 -4.29 9.17
CA ASN A 171 12.02 -4.25 8.17
C ASN A 171 12.23 -5.57 7.41
N ASN A 172 12.00 -6.68 8.09
CA ASN A 172 12.16 -7.99 7.50
C ASN A 172 10.97 -8.42 6.64
N MET A 173 9.82 -7.84 6.91
CA MET A 173 8.56 -8.30 6.35
C MET A 173 8.56 -8.45 4.82
N PRO A 174 9.03 -7.43 4.08
CA PRO A 174 9.03 -7.61 2.62
C PRO A 174 9.94 -8.74 2.16
N VAL A 175 11.17 -8.81 2.70
CA VAL A 175 12.21 -9.65 2.13
C VAL A 175 12.17 -11.10 2.61
N MET A 176 11.05 -11.51 3.20
CA MET A 176 10.85 -12.91 3.56
C MET A 176 10.39 -13.73 2.35
N GLU A 177 10.32 -15.05 2.52
CA GLU A 177 10.18 -15.97 1.39
C GLU A 177 8.74 -16.38 1.07
N GLN A 178 7.78 -15.95 1.88
CA GLN A 178 6.37 -16.19 1.58
C GLN A 178 5.73 -14.92 1.01
N SER A 179 6.50 -13.84 1.04
CA SER A 179 6.21 -12.62 0.32
C SER A 179 6.51 -12.78 -1.16
N VAL A 180 6.06 -11.86 -2.00
CA VAL A 180 6.35 -11.96 -3.43
C VAL A 180 6.92 -10.64 -3.96
N LEU A 181 6.78 -9.58 -3.19
CA LEU A 181 7.28 -8.26 -3.60
C LEU A 181 8.74 -8.03 -3.25
N ALA A 182 9.40 -9.03 -2.66
CA ALA A 182 10.81 -8.88 -2.30
C ALA A 182 11.71 -9.20 -3.46
N HIS A 183 11.23 -10.10 -4.31
CA HIS A 183 12.02 -10.58 -5.43
C HIS A 183 12.26 -9.47 -6.44
N ILE A 184 11.34 -8.50 -6.50
CA ILE A 184 11.45 -7.33 -7.37
C ILE A 184 12.88 -6.76 -7.33
N THR A 185 13.40 -6.36 -8.50
CA THR A 185 14.76 -5.82 -8.62
C THR A 185 14.73 -4.36 -9.08
N ALA A 186 13.67 -3.95 -9.78
CA ALA A 186 13.45 -2.53 -10.10
C ALA A 186 12.84 -1.82 -8.88
N ASP A 187 13.53 -1.87 -7.75
CA ASP A 187 12.86 -1.54 -6.48
C ASP A 187 12.49 -0.10 -6.17
N ILE A 188 11.47 -0.10 -5.34
CA ILE A 188 10.51 0.94 -5.20
C ILE A 188 10.51 1.37 -3.74
N CYS A 189 11.37 2.33 -3.43
CA CYS A 189 11.58 2.78 -2.06
C CYS A 189 10.25 3.07 -1.37
N GLY A 190 9.35 3.76 -2.08
CA GLY A 190 8.03 4.08 -1.57
C GLY A 190 7.23 2.89 -1.07
N MET A 191 7.47 1.70 -1.63
CA MET A 191 6.55 0.58 -1.42
C MET A 191 7.11 -0.64 -0.66
N LYS A 192 8.41 -0.76 -0.45
CA LYS A 192 8.90 -1.93 0.29
C LYS A 192 9.66 -1.54 1.56
N LEU A 193 9.95 -0.26 1.70
CA LEU A 193 10.58 0.26 2.91
C LEU A 193 9.49 0.73 3.85
N PRO A 194 9.71 0.55 5.16
CA PRO A 194 8.73 1.03 6.14
C PRO A 194 8.63 2.55 6.18
N TRP A 195 7.44 3.05 6.50
CA TRP A 195 7.22 4.49 6.74
C TRP A 195 7.09 4.73 8.23
N LEU A 196 7.58 5.87 8.67
CA LEU A 196 7.48 6.29 10.06
C LEU A 196 6.48 7.42 10.21
N TYR A 197 5.59 7.31 11.20
CA TYR A 197 4.54 8.32 11.41
C TYR A 197 4.51 8.86 12.83
N VAL A 198 4.78 10.16 12.98
CA VAL A 198 4.66 10.84 14.27
C VAL A 198 3.32 11.60 14.38
N GLY A 199 2.40 11.10 15.23
CA GLY A 199 1.08 11.71 15.36
C GLY A 199 0.89 12.72 16.50
N MET A 200 -0.12 13.57 16.39
CA MET A 200 -0.60 14.38 17.51
C MET A 200 -2.14 14.33 17.48
N CYS A 201 -2.80 14.86 18.51
CA CYS A 201 -4.27 14.82 18.60
C CYS A 201 -4.95 15.37 17.33
N PHE A 202 -5.84 14.59 16.74
CA PHE A 202 -6.61 14.93 15.53
C PHE A 202 -5.86 14.78 14.19
N SER A 203 -4.53 14.61 14.18
CA SER A 203 -3.84 14.48 12.88
C SER A 203 -4.37 13.21 12.23
N SER A 204 -4.60 13.25 10.92
CA SER A 204 -5.41 12.17 10.33
C SER A 204 -4.95 11.66 8.98
N PHE A 205 -5.39 10.45 8.66
CA PHE A 205 -5.11 9.89 7.34
C PHE A 205 -6.44 9.68 6.62
N CYS A 206 -6.52 10.24 5.40
CA CYS A 206 -7.77 10.22 4.61
C CYS A 206 -8.08 8.84 4.07
N TRP A 207 -9.32 8.66 3.61
CA TRP A 207 -9.71 7.39 2.99
C TRP A 207 -8.83 7.04 1.78
N HIS A 208 -8.39 5.78 1.70
CA HIS A 208 -7.54 5.31 0.59
C HIS A 208 -7.38 3.80 0.64
N ILE A 209 -6.86 3.21 -0.44
CA ILE A 209 -6.42 1.81 -0.47
C ILE A 209 -4.94 1.78 -0.86
N GLU A 210 -4.23 0.66 -0.67
CA GLU A 210 -2.78 0.67 -0.95
C GLU A 210 -2.49 0.58 -2.46
N ASP A 211 -1.34 1.09 -2.87
CA ASP A 211 -0.83 0.85 -4.22
C ASP A 211 -0.92 -0.64 -4.58
N HIS A 212 -1.45 -0.93 -5.78
CA HIS A 212 -1.60 -2.30 -6.32
C HIS A 212 -2.45 -3.23 -5.42
N TRP A 213 -3.31 -2.62 -4.61
CA TRP A 213 -4.22 -3.35 -3.73
C TRP A 213 -3.46 -4.31 -2.82
N SER A 214 -2.26 -3.92 -2.40
CA SER A 214 -1.51 -4.74 -1.43
C SER A 214 -2.11 -4.71 -0.01
N TYR A 215 -1.64 -5.64 0.82
CA TYR A 215 -1.84 -5.59 2.26
C TYR A 215 -1.03 -4.45 2.86
N SER A 216 -1.38 -4.04 4.07
CA SER A 216 -0.42 -3.28 4.87
C SER A 216 -0.48 -3.77 6.31
N ILE A 217 0.57 -3.50 7.06
CA ILE A 217 0.65 -3.86 8.46
C ILE A 217 1.26 -2.65 9.19
N ASN A 218 0.64 -2.26 10.31
N ASN A 218 0.71 -2.38 10.36
CA ASN A 218 0.99 -1.03 11.06
CA ASN A 218 0.93 -1.13 11.07
C ASN A 218 1.22 -1.37 12.53
C ASN A 218 1.21 -1.40 12.55
N TYR A 219 2.34 -0.91 13.06
CA TYR A 219 2.68 -1.12 14.46
C TYR A 219 2.77 0.19 15.18
N LEU A 220 2.04 0.30 16.30
CA LEU A 220 2.16 1.49 17.15
C LEU A 220 3.26 1.25 18.18
N HIS A 221 4.35 1.99 18.08
CA HIS A 221 5.49 1.71 18.97
C HIS A 221 5.19 2.15 20.41
N TRP A 222 4.76 3.41 20.55
CA TRP A 222 4.38 4.00 21.83
C TRP A 222 3.47 5.23 21.69
N GLY A 223 2.87 5.64 22.80
CA GLY A 223 2.08 6.86 22.88
C GLY A 223 0.60 6.59 22.95
N GLU A 224 -0.20 7.63 22.71
CA GLU A 224 -1.65 7.49 22.82
C GLU A 224 -2.22 6.78 21.59
N PRO A 225 -3.44 6.24 21.70
CA PRO A 225 -3.95 5.36 20.63
C PRO A 225 -4.18 6.03 19.28
N LYS A 226 -4.41 5.17 18.28
CA LYS A 226 -4.73 5.58 16.93
C LYS A 226 -6.08 4.97 16.61
N THR A 227 -7.01 5.78 16.12
CA THR A 227 -8.36 5.31 15.85
C THR A 227 -8.53 4.99 14.36
N TRP A 228 -9.10 3.83 14.02
CA TRP A 228 -9.17 3.32 12.64
C TRP A 228 -10.59 3.11 12.18
N TYR A 229 -10.87 3.39 10.91
CA TYR A 229 -12.11 2.95 10.27
C TYR A 229 -11.73 2.13 9.02
N GLY A 230 -12.44 1.03 8.78
CA GLY A 230 -12.09 0.12 7.70
C GLY A 230 -13.31 -0.44 7.00
N VAL A 231 -13.17 -0.70 5.69
CA VAL A 231 -14.24 -1.21 4.81
C VAL A 231 -13.76 -2.48 4.06
N PRO A 232 -14.55 -3.58 4.07
CA PRO A 232 -14.03 -4.78 3.39
C PRO A 232 -13.80 -4.57 1.87
N GLY A 233 -12.92 -5.38 1.30
CA GLY A 233 -12.60 -5.31 -0.12
C GLY A 233 -13.80 -5.44 -1.06
N TYR A 234 -14.76 -6.29 -0.71
CA TYR A 234 -15.90 -6.49 -1.57
C TYR A 234 -16.77 -5.22 -1.76
N ALA A 235 -16.53 -4.20 -0.95
CA ALA A 235 -17.37 -3.01 -0.96
C ALA A 235 -16.65 -1.78 -1.49
N ALA A 236 -15.46 -2.00 -2.04
CA ALA A 236 -14.63 -0.89 -2.55
C ALA A 236 -15.41 0.00 -3.52
N GLU A 237 -16.17 -0.61 -4.43
CA GLU A 237 -16.85 0.19 -5.45
C GLU A 237 -18.12 0.87 -4.92
N GLN A 238 -18.82 0.25 -3.96
CA GLN A 238 -19.89 0.97 -3.27
C GLN A 238 -19.36 2.28 -2.68
N LEU A 239 -18.26 2.19 -1.92
CA LEU A 239 -17.68 3.38 -1.28
C LEU A 239 -17.29 4.42 -2.32
N GLU A 240 -16.74 3.98 -3.44
CA GLU A 240 -16.30 4.92 -4.48
C GLU A 240 -17.48 5.63 -5.13
N ASN A 241 -18.57 4.91 -5.35
CA ASN A 241 -19.78 5.55 -5.86
C ASN A 241 -20.34 6.57 -4.87
N VAL A 242 -20.35 6.26 -3.58
CA VAL A 242 -20.76 7.25 -2.59
C VAL A 242 -19.86 8.48 -2.65
N MET A 243 -18.54 8.28 -2.76
CA MET A 243 -17.59 9.38 -2.84
C MET A 243 -17.73 10.23 -4.11
N LYS A 244 -18.02 9.62 -5.26
CA LYS A 244 -18.22 10.41 -6.49
C LYS A 244 -19.39 11.39 -6.41
N LYS A 245 -20.45 11.02 -5.71
CA LYS A 245 -21.63 11.88 -5.66
C LYS A 245 -21.43 13.06 -4.70
N LEU A 246 -20.83 12.81 -3.55
CA LEU A 246 -20.67 13.87 -2.54
C LEU A 246 -19.40 14.70 -2.73
N ALA A 247 -18.48 14.26 -3.60
CA ALA A 247 -17.27 15.04 -3.87
C ALA A 247 -16.54 14.64 -5.15
N PRO A 248 -17.13 14.97 -6.31
CA PRO A 248 -16.59 14.57 -7.64
C PRO A 248 -15.25 15.22 -8.01
N GLU A 249 -14.83 16.27 -7.30
CA GLU A 249 -13.54 16.92 -7.56
C GLU A 249 -12.36 15.96 -7.35
N LEU A 250 -12.54 15.01 -6.43
CA LEU A 250 -11.50 14.02 -6.10
C LEU A 250 -11.30 13.00 -7.20
N PHE A 251 -12.08 13.11 -8.27
CA PHE A 251 -12.10 12.08 -9.30
C PHE A 251 -11.69 12.59 -10.68
N VAL A 252 -11.48 13.90 -10.80
CA VAL A 252 -10.91 14.45 -12.03
C VAL A 252 -9.49 13.87 -12.17
N SER A 253 -9.08 13.58 -13.40
CA SER A 253 -7.81 12.88 -13.65
C SER A 253 -6.60 13.67 -13.16
N GLN A 254 -5.52 12.96 -12.83
CA GLN A 254 -4.33 13.58 -12.26
C GLN A 254 -3.05 13.11 -12.97
N PRO A 255 -2.08 14.03 -13.15
CA PRO A 255 -0.90 13.83 -14.01
C PRO A 255 0.22 13.01 -13.38
N ASP A 256 0.12 12.66 -12.11
CA ASP A 256 1.17 11.89 -11.46
C ASP A 256 0.61 10.97 -10.37
N LEU A 257 1.45 10.05 -9.92
CA LEU A 257 1.15 9.22 -8.77
C LEU A 257 1.49 10.01 -7.50
N LEU A 258 2.12 11.16 -7.69
CA LEU A 258 2.42 12.10 -6.60
C LEU A 258 1.36 13.20 -6.52
N HIS A 259 0.20 12.95 -7.12
CA HIS A 259 -0.83 13.97 -7.24
C HIS A 259 -2.22 13.46 -6.84
N GLN A 260 -2.30 12.20 -6.41
CA GLN A 260 -3.54 11.57 -5.95
C GLN A 260 -4.31 12.41 -4.93
N LEU A 261 -5.62 12.55 -5.11
CA LEU A 261 -6.44 13.35 -4.20
C LEU A 261 -7.29 12.47 -3.28
N VAL A 262 -7.26 12.77 -1.99
CA VAL A 262 -8.00 11.98 -0.99
C VAL A 262 -8.71 12.88 0.01
N THR A 263 -9.67 12.32 0.76
CA THR A 263 -10.43 13.12 1.71
C THR A 263 -10.88 12.44 3.02
N ILE A 264 -11.19 13.29 4.00
CA ILE A 264 -11.84 12.93 5.25
C ILE A 264 -13.35 12.79 5.05
N MET A 265 -13.94 11.70 5.52
CA MET A 265 -15.38 11.56 5.39
C MET A 265 -16.00 10.69 6.50
N ASN A 266 -17.07 11.20 7.11
CA ASN A 266 -17.73 10.55 8.23
C ASN A 266 -18.22 9.14 7.90
N PRO A 267 -17.77 8.15 8.65
CA PRO A 267 -18.23 6.77 8.41
C PRO A 267 -19.75 6.61 8.50
N ASN A 268 -20.44 7.42 9.32
CA ASN A 268 -21.91 7.36 9.38
C ASN A 268 -22.56 7.69 8.02
N THR A 269 -21.97 8.63 7.29
CA THR A 269 -22.40 8.90 5.93
C THR A 269 -22.31 7.63 5.06
N LEU A 270 -21.24 6.87 5.21
CA LEU A 270 -21.10 5.65 4.42
C LEU A 270 -22.10 4.59 4.87
N MET A 271 -22.27 4.44 6.19
CA MET A 271 -23.20 3.45 6.72
C MET A 271 -24.66 3.76 6.34
N THR A 272 -24.97 5.05 6.22
CA THR A 272 -26.28 5.48 5.75
C THR A 272 -26.50 5.03 4.31
N HIS A 273 -25.45 4.99 3.52
CA HIS A 273 -25.59 4.57 2.13
C HIS A 273 -25.27 3.07 1.94
N GLU A 274 -25.39 2.29 3.02
CA GLU A 274 -25.29 0.83 3.01
C GLU A 274 -23.89 0.24 2.77
N VAL A 275 -22.86 1.04 3.02
CA VAL A 275 -21.48 0.55 3.02
C VAL A 275 -21.09 0.07 4.42
N PRO A 276 -20.67 -1.19 4.56
CA PRO A 276 -20.26 -1.68 5.90
C PRO A 276 -18.95 -1.08 6.37
N VAL A 277 -18.96 -0.46 7.56
CA VAL A 277 -17.78 0.13 8.18
C VAL A 277 -17.49 -0.50 9.54
N TYR A 278 -16.21 -0.70 9.87
CA TYR A 278 -15.77 -1.19 11.18
C TYR A 278 -14.76 -0.23 11.79
N ARG A 279 -14.57 -0.27 13.10
CA ARG A 279 -13.62 0.61 13.78
C ARG A 279 -12.74 -0.16 14.76
N THR A 280 -11.68 0.48 15.24
CA THR A 280 -10.94 0.00 16.39
C THR A 280 -10.08 1.14 16.96
N ASN A 281 -9.70 1.02 18.23
CA ASN A 281 -8.62 1.84 18.78
C ASN A 281 -7.38 0.95 18.89
N GLN A 282 -6.31 1.36 18.21
CA GLN A 282 -5.06 0.64 18.26
C GLN A 282 -4.22 1.26 19.36
N CYS A 283 -3.85 0.49 20.37
CA CYS A 283 -2.97 1.01 21.41
C CYS A 283 -1.52 0.56 21.21
N ALA A 284 -0.63 1.18 21.98
CA ALA A 284 0.80 0.88 21.91
C ALA A 284 1.09 -0.62 22.07
N GLY A 285 1.95 -1.15 21.21
CA GLY A 285 2.27 -2.58 21.17
C GLY A 285 1.26 -3.44 20.40
N GLU A 286 0.32 -2.81 19.69
CA GLU A 286 -0.61 -3.60 18.88
C GLU A 286 -0.40 -3.37 17.38
N PHE A 287 -0.76 -4.38 16.59
CA PHE A 287 -0.69 -4.31 15.13
C PHE A 287 -2.08 -4.16 14.57
N VAL A 288 -2.19 -3.34 13.53
CA VAL A 288 -3.34 -3.35 12.64
C VAL A 288 -2.94 -3.86 11.25
N ILE A 289 -3.76 -4.72 10.67
CA ILE A 289 -3.51 -5.25 9.33
C ILE A 289 -4.65 -4.85 8.38
N THR A 290 -4.33 -4.26 7.23
CA THR A 290 -5.35 -4.02 6.20
C THR A 290 -5.23 -5.02 5.05
N PHE A 291 -6.37 -5.46 4.52
CA PHE A 291 -6.43 -6.48 3.49
C PHE A 291 -6.58 -5.85 2.08
N PRO A 292 -6.34 -6.65 1.01
CA PRO A 292 -6.35 -6.06 -0.34
C PRO A 292 -7.66 -5.34 -0.73
N ARG A 293 -7.53 -4.13 -1.26
N ARG A 293 -7.50 -4.12 -1.26
CA ARG A 293 -8.68 -3.33 -1.71
CA ARG A 293 -8.60 -3.27 -1.71
C ARG A 293 -9.65 -3.02 -0.54
C ARG A 293 -9.54 -2.79 -0.58
N ALA A 294 -9.10 -2.97 0.67
CA ALA A 294 -9.87 -2.53 1.85
C ALA A 294 -9.63 -1.05 2.15
N TYR A 295 -10.64 -0.21 1.95
CA TYR A 295 -10.52 1.22 2.31
C TYR A 295 -10.35 1.44 3.83
N HIS A 296 -9.50 2.39 4.23
CA HIS A 296 -9.34 2.75 5.63
C HIS A 296 -9.00 4.22 5.80
N SER A 297 -9.31 4.77 6.99
CA SER A 297 -8.94 6.12 7.41
C SER A 297 -8.90 6.19 8.95
N GLY A 298 -8.49 7.33 9.50
CA GLY A 298 -8.47 7.46 10.94
C GLY A 298 -7.72 8.67 11.44
N PHE A 299 -7.50 8.72 12.76
CA PHE A 299 -6.87 9.90 13.36
C PHE A 299 -6.19 9.48 14.67
N ASN A 300 -5.24 10.28 15.11
CA ASN A 300 -4.54 10.01 16.35
C ASN A 300 -5.21 10.68 17.57
N GLN A 301 -5.23 9.98 18.71
CA GLN A 301 -5.76 10.53 19.96
C GLN A 301 -4.81 11.51 20.62
N GLY A 302 -3.53 11.43 20.28
CA GLY A 302 -2.52 12.27 20.92
C GLY A 302 -1.16 11.96 20.34
N PHE A 303 -0.13 12.45 21.02
CA PHE A 303 1.27 12.25 20.65
C PHE A 303 1.62 10.75 20.56
N ASN A 304 2.00 10.28 19.38
CA ASN A 304 2.40 8.86 19.27
C ASN A 304 3.39 8.61 18.13
N PHE A 305 3.85 7.36 18.03
CA PHE A 305 4.86 6.99 17.03
C PHE A 305 4.58 5.63 16.43
N ALA A 306 4.45 5.59 15.12
CA ALA A 306 4.03 4.38 14.44
C ALA A 306 4.89 4.10 13.21
N GLU A 307 4.81 2.87 12.74
CA GLU A 307 5.65 2.39 11.65
C GLU A 307 4.83 1.41 10.83
N ALA A 308 4.87 1.54 9.51
CA ALA A 308 4.03 0.69 8.67
C ALA A 308 4.74 0.22 7.40
N VAL A 309 4.25 -0.88 6.82
CA VAL A 309 4.83 -1.37 5.57
C VAL A 309 3.80 -2.11 4.72
N ASN A 310 3.93 -1.98 3.39
CA ASN A 310 3.13 -2.77 2.43
C ASN A 310 3.67 -4.17 2.30
N PHE A 311 2.83 -5.13 1.94
CA PHE A 311 3.31 -6.45 1.59
C PHE A 311 2.31 -7.28 0.77
N CYS A 312 2.84 -8.27 0.07
CA CYS A 312 2.08 -9.07 -0.86
C CYS A 312 2.32 -10.57 -0.65
N THR A 313 1.25 -11.31 -0.42
CA THR A 313 1.33 -12.75 -0.26
C THR A 313 0.92 -13.42 -1.57
N VAL A 314 0.94 -14.76 -1.60
CA VAL A 314 0.51 -15.52 -2.78
C VAL A 314 -0.99 -15.44 -2.98
N ASP A 315 -1.70 -15.24 -1.88
CA ASP A 315 -3.14 -14.99 -1.93
C ASP A 315 -3.45 -13.79 -2.83
N TRP A 316 -2.58 -12.79 -2.80
CA TRP A 316 -2.83 -11.53 -3.46
C TRP A 316 -2.58 -11.55 -4.99
N LEU A 317 -1.76 -12.49 -5.47
CA LEU A 317 -1.30 -12.46 -6.88
C LEU A 317 -2.43 -12.21 -7.92
N PRO A 318 -3.55 -12.97 -7.84
CA PRO A 318 -4.66 -12.69 -8.76
C PRO A 318 -5.22 -11.28 -8.64
N LEU A 319 -5.36 -10.77 -7.42
CA LEU A 319 -5.87 -9.42 -7.22
C LEU A 319 -4.93 -8.38 -7.80
N GLY A 320 -3.63 -8.62 -7.65
CA GLY A 320 -2.64 -7.72 -8.24
C GLY A 320 -2.73 -7.60 -9.76
N ARG A 321 -3.12 -8.69 -10.44
CA ARG A 321 -3.35 -8.66 -11.88
C ARG A 321 -4.64 -7.87 -12.20
N GLN A 322 -5.72 -8.20 -11.49
N GLN A 322 -5.73 -8.20 -11.50
CA GLN A 322 -6.98 -7.49 -11.66
CA GLN A 322 -7.00 -7.45 -11.68
C GLN A 322 -6.82 -5.98 -11.35
C GLN A 322 -6.79 -5.96 -11.39
N CYS A 323 -5.98 -5.65 -10.39
CA CYS A 323 -5.70 -4.25 -10.09
C CYS A 323 -5.05 -3.48 -11.26
N VAL A 324 -4.02 -4.06 -11.88
CA VAL A 324 -3.33 -3.40 -13.00
C VAL A 324 -4.26 -3.16 -14.20
N GLU A 325 -5.11 -4.14 -14.46
CA GLU A 325 -6.21 -4.00 -15.41
C GLU A 325 -7.14 -2.82 -15.06
N HIS A 326 -7.52 -2.73 -13.79
CA HIS A 326 -8.33 -1.61 -13.31
C HIS A 326 -7.61 -0.27 -13.46
N TYR A 327 -6.30 -0.24 -13.19
CA TYR A 327 -5.50 0.97 -13.44
C TYR A 327 -5.54 1.39 -14.92
N ARG A 328 -5.51 0.42 -15.82
N ARG A 328 -5.53 0.39 -15.80
CA ARG A 328 -5.54 0.70 -17.26
CA ARG A 328 -5.55 0.61 -17.25
C ARG A 328 -6.86 1.40 -17.63
C ARG A 328 -6.84 1.37 -17.64
N LEU A 329 -7.98 0.82 -17.23
CA LEU A 329 -9.29 1.46 -17.44
C LEU A 329 -9.37 2.90 -16.91
N LEU A 330 -8.70 3.17 -15.80
CA LEU A 330 -8.71 4.48 -15.15
C LEU A 330 -7.62 5.42 -15.65
N HIS A 331 -6.74 4.90 -16.49
CA HIS A 331 -5.55 5.65 -16.90
C HIS A 331 -4.69 6.07 -15.70
N ARG A 332 -4.59 5.19 -14.70
CA ARG A 332 -3.77 5.47 -13.50
C ARG A 332 -2.34 4.91 -13.65
N TYR A 333 -1.34 5.66 -13.19
CA TYR A 333 0.03 5.17 -13.19
C TYR A 333 0.27 3.95 -12.29
N CYS A 334 1.15 3.05 -12.71
CA CYS A 334 1.55 1.88 -11.92
C CYS A 334 2.82 2.22 -11.16
N VAL A 335 3.04 1.54 -10.03
CA VAL A 335 4.29 1.70 -9.28
C VAL A 335 5.36 0.76 -9.83
N PHE A 336 4.93 -0.43 -10.23
CA PHE A 336 5.82 -1.40 -10.89
C PHE A 336 5.03 -2.20 -11.95
N SER A 337 5.77 -2.94 -12.77
CA SER A 337 5.16 -3.90 -13.70
C SER A 337 4.92 -5.23 -13.00
N HIS A 338 3.65 -5.63 -12.95
CA HIS A 338 3.23 -6.93 -12.42
C HIS A 338 3.79 -8.08 -13.28
N ASP A 339 3.75 -7.95 -14.61
CA ASP A 339 4.27 -9.01 -15.50
C ASP A 339 5.78 -9.16 -15.32
N GLU A 340 6.46 -8.02 -15.19
CA GLU A 340 7.89 -8.04 -14.94
C GLU A 340 8.21 -8.83 -13.68
N MET A 341 7.42 -8.62 -12.63
CA MET A 341 7.65 -9.32 -11.37
C MET A 341 7.44 -10.82 -11.53
N ILE A 342 6.38 -11.22 -12.22
CA ILE A 342 6.08 -12.63 -12.46
C ILE A 342 7.25 -13.31 -13.20
N CYS A 343 7.73 -12.69 -14.27
CA CYS A 343 8.82 -13.26 -15.07
C CYS A 343 10.13 -13.31 -14.29
N LYS A 344 10.31 -12.38 -13.35
CA LYS A 344 11.52 -12.39 -12.53
C LYS A 344 11.50 -13.59 -11.59
N MET A 345 10.33 -13.88 -11.04
CA MET A 345 10.21 -15.05 -10.18
C MET A 345 10.37 -16.32 -11.02
N ALA A 346 9.78 -16.36 -12.20
CA ALA A 346 9.92 -17.53 -13.07
C ALA A 346 11.38 -17.79 -13.37
N SER A 347 12.16 -16.75 -13.61
CA SER A 347 13.58 -16.89 -13.90
C SER A 347 14.41 -17.33 -12.70
N LYS A 348 13.82 -17.31 -11.50
CA LYS A 348 14.54 -17.79 -10.31
C LYS A 348 13.81 -19.00 -9.71
N ALA A 349 13.11 -19.76 -10.55
CA ALA A 349 12.22 -20.82 -10.11
C ALA A 349 12.88 -21.86 -9.20
N ASP A 350 14.15 -22.16 -9.44
CA ASP A 350 14.84 -23.20 -8.67
C ASP A 350 15.04 -22.86 -7.18
N VAL A 351 15.14 -21.58 -6.83
CA VAL A 351 15.30 -21.20 -5.43
C VAL A 351 14.04 -20.60 -4.80
N LEU A 352 12.88 -20.85 -5.42
CA LEU A 352 11.61 -20.36 -4.89
C LEU A 352 10.98 -21.33 -3.92
N ASP A 353 10.33 -20.78 -2.90
CA ASP A 353 9.42 -21.55 -2.07
C ASP A 353 8.43 -22.28 -2.98
N VAL A 354 8.06 -23.51 -2.62
CA VAL A 354 7.28 -24.34 -3.54
C VAL A 354 5.80 -23.95 -3.64
N VAL A 355 5.24 -23.34 -2.61
CA VAL A 355 3.84 -22.88 -2.69
C VAL A 355 3.78 -21.63 -3.56
N VAL A 356 4.76 -20.75 -3.36
CA VAL A 356 4.98 -19.60 -4.23
C VAL A 356 5.06 -20.04 -5.69
N ALA A 357 5.95 -20.99 -5.97
CA ALA A 357 6.15 -21.51 -7.32
C ALA A 357 4.84 -21.96 -7.95
N SER A 358 4.07 -22.72 -7.18
CA SER A 358 2.78 -23.20 -7.68
C SER A 358 1.78 -22.07 -8.02
N THR A 359 1.74 -21.03 -7.19
CA THR A 359 0.78 -19.93 -7.38
C THR A 359 1.25 -18.99 -8.50
N VAL A 360 2.57 -18.72 -8.57
CA VAL A 360 3.12 -17.97 -9.68
C VAL A 360 2.82 -18.66 -11.03
N GLN A 361 2.97 -19.99 -11.05
CA GLN A 361 2.69 -20.76 -12.26
C GLN A 361 1.27 -20.51 -12.81
N LYS A 362 0.27 -20.51 -11.92
CA LYS A 362 -1.11 -20.26 -12.34
C LYS A 362 -1.30 -18.85 -12.92
N ASP A 363 -0.68 -17.84 -12.32
CA ASP A 363 -0.78 -16.48 -12.84
C ASP A 363 -0.05 -16.34 -14.18
N MET A 364 1.09 -17.01 -14.30
CA MET A 364 1.85 -16.98 -15.54
C MET A 364 1.07 -17.58 -16.70
N ALA A 365 0.33 -18.65 -16.45
CA ALA A 365 -0.48 -19.28 -17.49
C ALA A 365 -1.57 -18.33 -18.00
N ILE A 366 -2.17 -17.56 -17.11
CA ILE A 366 -3.15 -16.56 -17.56
C ILE A 366 -2.46 -15.46 -18.38
N MET A 367 -1.36 -14.92 -17.85
CA MET A 367 -0.56 -13.93 -18.56
C MET A 367 -0.22 -14.38 -20.00
N ILE A 368 0.25 -15.61 -20.13
CA ILE A 368 0.71 -16.10 -21.43
C ILE A 368 -0.45 -16.18 -22.39
N GLU A 369 -1.57 -16.73 -21.93
CA GLU A 369 -2.73 -16.85 -22.78
C GLU A 369 -3.31 -15.49 -23.19
N ASP A 370 -3.36 -14.53 -22.27
CA ASP A 370 -3.81 -13.19 -22.65
C ASP A 370 -2.84 -12.58 -23.69
N GLU A 371 -1.53 -12.83 -23.54
CA GLU A 371 -0.53 -12.21 -24.42
C GLU A 371 -0.62 -12.79 -25.83
N LYS A 372 -0.87 -14.09 -25.93
CA LYS A 372 -1.10 -14.75 -27.21
C LYS A 372 -2.24 -14.07 -27.99
N ALA A 373 -3.38 -13.89 -27.33
CA ALA A 373 -4.55 -13.27 -27.96
C ALA A 373 -4.31 -11.82 -28.41
N LEU A 374 -3.62 -11.05 -27.58
CA LEU A 374 -3.31 -9.65 -27.90
C LEU A 374 -2.39 -9.54 -29.13
N ARG A 375 -1.41 -10.44 -29.24
CA ARG A 375 -0.49 -10.43 -30.38
C ARG A 375 -1.21 -10.82 -31.69
N GLU A 376 -2.11 -11.79 -31.62
CA GLU A 376 -2.93 -12.16 -32.78
C GLU A 376 -3.77 -10.98 -33.27
N THR A 377 -4.40 -10.29 -32.32
CA THR A 377 -5.18 -9.10 -32.62
C THR A 377 -4.36 -8.01 -33.32
N VAL A 378 -3.15 -7.71 -32.84
CA VAL A 378 -2.39 -6.61 -33.47
C VAL A 378 -1.79 -7.05 -34.81
N ARG A 379 -1.51 -8.35 -34.95
CA ARG A 379 -1.10 -8.88 -36.27
C ARG A 379 -2.22 -8.70 -37.30
N LYS A 380 -3.48 -8.87 -36.87
CA LYS A 380 -4.60 -8.69 -37.78
C LYS A 380 -4.90 -7.23 -38.05
N LEU A 381 -4.23 -6.32 -37.34
CA LEU A 381 -4.42 -4.90 -37.59
C LEU A 381 -3.36 -4.42 -38.58
N GLY A 382 -2.46 -5.34 -38.93
CA GLY A 382 -1.47 -5.06 -39.95
C GLY A 382 -0.08 -4.72 -39.45
N VAL A 383 0.18 -4.93 -38.15
CA VAL A 383 1.53 -4.75 -37.64
C VAL A 383 2.33 -6.02 -37.92
N ILE A 384 3.37 -5.89 -38.72
CA ILE A 384 4.09 -7.05 -39.20
C ILE A 384 5.50 -7.14 -38.67
N ASP A 385 6.22 -6.03 -38.79
CA ASP A 385 7.59 -5.98 -38.29
C ASP A 385 7.65 -6.14 -36.77
N SER A 386 8.74 -6.71 -36.26
CA SER A 386 8.89 -6.88 -34.83
C SER A 386 10.36 -6.98 -34.44
N GLU A 387 10.67 -6.65 -33.18
CA GLU A 387 12.02 -6.80 -32.63
C GLU A 387 12.00 -6.99 -31.10
N ARG A 388 12.84 -7.88 -30.59
N ARG A 388 12.85 -7.88 -30.59
CA ARG A 388 12.96 -8.07 -29.15
CA ARG A 388 12.98 -8.08 -29.14
C ARG A 388 13.41 -6.76 -28.48
C ARG A 388 13.48 -6.81 -28.46
N MET A 389 12.93 -6.52 -27.28
CA MET A 389 13.32 -5.30 -26.55
C MET A 389 13.33 -5.54 -25.05
N ASP A 390 14.45 -5.20 -24.41
CA ASP A 390 14.59 -5.35 -22.95
C ASP A 390 13.94 -4.22 -22.13
N PHE A 391 12.62 -4.30 -21.98
CA PHE A 391 11.87 -3.25 -21.28
C PHE A 391 12.41 -2.92 -19.89
N GLU A 392 12.96 -3.91 -19.18
CA GLU A 392 13.34 -3.66 -17.79
C GLU A 392 14.52 -2.67 -17.67
N LEU A 393 15.22 -2.40 -18.77
CA LEU A 393 16.35 -1.45 -18.79
C LEU A 393 15.89 0.01 -18.91
N LEU A 394 14.69 0.21 -19.40
CA LEU A 394 14.13 1.55 -19.55
C LEU A 394 13.63 2.09 -18.23
N PRO A 395 13.99 3.35 -17.92
CA PRO A 395 13.36 4.07 -16.79
C PRO A 395 11.83 4.01 -16.93
N ASP A 396 11.11 3.91 -15.82
CA ASP A 396 9.64 3.76 -15.87
C ASP A 396 8.93 4.85 -16.70
N ASP A 397 9.37 6.09 -16.61
CA ASP A 397 8.72 7.16 -17.34
C ASP A 397 8.98 7.03 -18.84
N GLU A 398 9.94 6.19 -19.22
CA GLU A 398 10.17 5.96 -20.64
C GLU A 398 9.39 4.74 -21.19
N ARG A 399 8.55 4.10 -20.39
CA ARG A 399 7.80 2.97 -20.95
C ARG A 399 6.36 2.85 -20.50
N GLN A 400 5.70 4.00 -20.33
CA GLN A 400 4.26 4.04 -20.09
C GLN A 400 3.48 4.21 -21.40
N CYS A 401 2.40 3.45 -21.55
CA CYS A 401 1.47 3.63 -22.67
C CYS A 401 0.97 5.06 -22.75
N VAL A 402 1.22 5.71 -23.89
CA VAL A 402 0.84 7.11 -24.10
C VAL A 402 -0.64 7.39 -23.77
N LYS A 403 -1.48 6.40 -23.99
CA LYS A 403 -2.90 6.51 -23.73
C LYS A 403 -3.30 6.18 -22.30
N CYS A 404 -3.04 4.94 -21.86
CA CYS A 404 -3.56 4.48 -20.57
C CYS A 404 -2.56 4.55 -19.42
N LYS A 405 -1.31 4.90 -19.76
CA LYS A 405 -0.22 5.07 -18.79
C LYS A 405 0.29 3.78 -18.11
N THR A 406 -0.17 2.61 -18.55
CA THR A 406 0.33 1.36 -17.98
C THR A 406 1.84 1.21 -18.24
N THR A 407 2.55 0.61 -17.28
CA THR A 407 3.99 0.35 -17.45
C THR A 407 4.18 -0.88 -18.34
N CYS A 408 4.79 -0.70 -19.50
CA CYS A 408 4.93 -1.84 -20.44
C CYS A 408 6.06 -2.82 -20.04
N PHE A 409 5.87 -4.12 -20.31
CA PHE A 409 6.94 -5.09 -20.13
C PHE A 409 6.87 -6.28 -21.10
N MET A 410 5.71 -6.94 -21.20
CA MET A 410 5.59 -8.06 -22.12
C MET A 410 5.71 -7.59 -23.58
N SER A 411 5.06 -6.46 -23.91
CA SER A 411 5.10 -5.89 -25.27
C SER A 411 4.50 -4.47 -25.42
N ALA A 412 4.82 -3.87 -26.56
CA ALA A 412 4.42 -2.51 -26.90
C ALA A 412 4.55 -2.28 -28.41
N ILE A 413 3.92 -1.22 -28.89
CA ILE A 413 4.01 -0.81 -30.29
C ILE A 413 4.76 0.53 -30.39
N SER A 414 5.72 0.62 -31.31
CA SER A 414 6.40 1.88 -31.57
C SER A 414 6.25 2.27 -33.05
N CYS A 415 6.71 3.48 -33.36
CA CYS A 415 6.75 3.97 -34.73
C CYS A 415 7.89 4.97 -34.92
N SER A 416 8.64 4.84 -36.02
CA SER A 416 9.76 5.74 -36.34
C SER A 416 9.33 7.22 -36.38
N CYS A 417 8.08 7.45 -36.75
CA CYS A 417 7.44 8.76 -36.63
C CYS A 417 7.47 9.46 -35.24
N LYS A 418 7.18 8.71 -34.16
CA LYS A 418 7.19 9.29 -32.82
C LYS A 418 8.29 8.67 -31.97
N PRO A 419 9.54 9.11 -32.17
CA PRO A 419 10.66 8.43 -31.52
C PRO A 419 10.54 8.47 -30.00
N GLY A 420 10.67 7.32 -29.36
CA GLY A 420 10.55 7.25 -27.91
C GLY A 420 9.18 6.94 -27.34
N LEU A 421 8.11 7.15 -28.11
CA LEU A 421 6.76 6.88 -27.61
C LEU A 421 6.30 5.43 -27.79
N LEU A 422 5.51 4.95 -26.83
CA LEU A 422 4.94 3.60 -26.84
C LEU A 422 3.46 3.60 -26.52
N VAL A 423 2.77 2.58 -27.03
CA VAL A 423 1.43 2.24 -26.55
C VAL A 423 1.41 0.75 -26.19
N CYS A 424 0.62 0.39 -25.18
CA CYS A 424 0.38 -1.03 -24.92
C CYS A 424 -0.44 -1.63 -26.07
N LEU A 425 -0.60 -2.94 -26.09
CA LEU A 425 -1.30 -3.58 -27.20
C LEU A 425 -2.83 -3.33 -27.21
N HIS A 426 -3.39 -2.83 -26.12
CA HIS A 426 -4.82 -2.42 -26.10
C HIS A 426 -5.04 -1.11 -26.87
N HIS A 427 -3.97 -0.35 -27.08
CA HIS A 427 -4.14 0.99 -27.64
C HIS A 427 -3.28 1.24 -28.89
N VAL A 428 -3.15 0.21 -29.73
CA VAL A 428 -2.43 0.33 -31.00
C VAL A 428 -2.90 1.51 -31.88
N LYS A 429 -4.19 1.83 -31.82
CA LYS A 429 -4.73 2.91 -32.64
C LYS A 429 -4.52 4.32 -32.07
N GLU A 430 -3.73 4.46 -30.99
CA GLU A 430 -3.59 5.75 -30.30
C GLU A 430 -2.19 6.34 -30.36
N LEU A 431 -1.31 5.70 -31.11
CA LEU A 431 0.07 6.13 -31.18
C LEU A 431 0.27 7.31 -32.16
N CYS A 432 -0.25 7.18 -33.37
CA CYS A 432 -0.07 8.19 -34.42
C CYS A 432 -0.93 7.87 -35.65
N SER A 433 -0.74 8.60 -36.73
CA SER A 433 -1.63 8.46 -37.88
C SER A 433 -1.00 7.71 -39.08
N CYS A 434 0.21 7.19 -38.91
CA CYS A 434 0.84 6.37 -39.96
C CYS A 434 0.09 5.05 -40.16
N PRO A 435 0.19 4.46 -41.36
CA PRO A 435 -0.40 3.13 -41.54
C PRO A 435 0.36 2.06 -40.75
N PRO A 436 -0.35 1.05 -40.24
CA PRO A 436 0.19 -0.01 -39.39
C PRO A 436 1.47 -0.70 -39.89
N TYR A 437 1.74 -0.72 -41.19
CA TYR A 437 2.96 -1.40 -41.63
C TYR A 437 4.21 -0.61 -41.24
N LYS A 438 4.03 0.66 -40.88
CA LYS A 438 5.15 1.46 -40.36
C LYS A 438 5.44 1.19 -38.87
N TYR A 439 4.60 0.42 -38.20
CA TYR A 439 4.76 0.13 -36.76
C TYR A 439 5.66 -1.09 -36.55
N LYS A 440 6.23 -1.19 -35.34
CA LYS A 440 6.96 -2.39 -34.92
C LYS A 440 6.37 -2.93 -33.63
N LEU A 441 6.18 -4.23 -33.54
CA LEU A 441 5.92 -4.86 -32.27
C LEU A 441 7.23 -5.07 -31.49
N ARG A 442 7.39 -4.40 -30.34
CA ARG A 442 8.51 -4.65 -29.43
CA ARG A 442 8.52 -4.67 -29.45
C ARG A 442 8.08 -5.64 -28.35
N TYR A 443 8.86 -6.71 -28.15
CA TYR A 443 8.46 -7.79 -27.24
C TYR A 443 9.62 -8.25 -26.35
N ARG A 444 9.32 -8.60 -25.10
CA ARG A 444 10.39 -9.09 -24.22
C ARG A 444 10.76 -10.55 -24.52
N TYR A 445 9.75 -11.38 -24.73
CA TYR A 445 9.89 -12.83 -24.86
C TYR A 445 9.03 -13.33 -26.00
N THR A 446 9.53 -14.31 -26.78
CA THR A 446 8.66 -15.05 -27.70
C THR A 446 7.83 -16.04 -26.88
N LEU A 447 6.70 -16.46 -27.40
CA LEU A 447 5.92 -17.54 -26.77
C LEU A 447 6.77 -18.78 -26.50
N ASP A 448 7.69 -19.10 -27.41
CA ASP A 448 8.64 -20.18 -27.20
C ASP A 448 9.61 -19.97 -26.03
N ASP A 449 9.98 -18.73 -25.72
CA ASP A 449 10.79 -18.48 -24.50
C ASP A 449 9.94 -18.71 -23.23
N LEU A 450 8.66 -18.38 -23.32
CA LEU A 450 7.79 -18.33 -22.14
C LEU A 450 7.36 -19.70 -21.59
N TYR A 451 6.97 -20.63 -22.46
CA TYR A 451 6.51 -21.95 -22.02
C TYR A 451 7.56 -22.74 -21.19
N PRO A 452 8.85 -22.70 -21.58
CA PRO A 452 9.83 -23.31 -20.68
C PRO A 452 10.00 -22.59 -19.31
N MET A 453 9.77 -21.29 -19.24
CA MET A 453 9.89 -20.57 -17.96
C MET A 453 8.77 -21.05 -17.04
N MET A 454 7.59 -21.26 -17.60
CA MET A 454 6.46 -21.75 -16.83
C MET A 454 6.68 -23.20 -16.41
N ASN A 455 7.27 -24.01 -17.30
N ASN A 455 7.29 -23.97 -17.29
CA ASN A 455 7.59 -25.39 -16.96
CA ASN A 455 7.62 -25.37 -17.03
C ASN A 455 8.56 -25.51 -15.79
C ASN A 455 8.59 -25.54 -15.85
N ALA A 456 9.52 -24.59 -15.71
CA ALA A 456 10.46 -24.62 -14.58
C ALA A 456 9.67 -24.46 -13.28
N LEU A 457 8.61 -23.65 -13.29
CA LEU A 457 7.78 -23.45 -12.09
C LEU A 457 7.02 -24.72 -11.75
N LYS A 458 6.45 -25.38 -12.76
CA LYS A 458 5.73 -26.63 -12.56
C LYS A 458 6.61 -27.69 -11.88
N LEU A 459 7.83 -27.88 -12.40
CA LEU A 459 8.79 -28.80 -11.80
C LEU A 459 9.13 -28.46 -10.34
N ARG A 460 9.42 -27.20 -10.05
CA ARG A 460 9.75 -26.79 -8.68
C ARG A 460 8.57 -27.04 -7.73
N ALA A 461 7.36 -26.84 -8.24
CA ALA A 461 6.14 -27.06 -7.48
C ALA A 461 5.78 -28.55 -7.42
N GLU A 462 6.39 -29.34 -8.31
CA GLU A 462 6.17 -30.79 -8.45
C GLU A 462 4.72 -31.10 -8.83
#